data_5QIG
#
_entry.id   5QIG
#
_cell.length_a   97.540
_cell.length_b   97.540
_cell.length_c   80.646
_cell.angle_alpha   90.000
_cell.angle_beta   90.000
_cell.angle_gamma   90.000
#
_symmetry.space_group_name_H-M   'I 4'
#
loop_
_entity.id
_entity.type
_entity.pdbx_description
1 polymer 'Hydroxyacid oxidase 1'
2 non-polymer 'FLAVIN MONONUCLEOTIDE'
3 non-polymer 2-cyclopropyl-1~{H}-imidazole-4-carboxamide
4 water water
#
_entity_poly.entity_id   1
_entity_poly.type   'polypeptide(L)'
_entity_poly.pdbx_seq_one_letter_code
;SMLPRLICINDYEQHAKSVLPKSIYDYYRSGANDEETLADNIAAFSRWKLYPRMLRNVAETDLSTSVLGQRVSMPICVGA
TAMQRMAHVDGELATVRACQSLGTGMMLSSWATSSIEEVAEAGPEALRWLQLYIYKDREVTKKLVRQAEKMGYKAIFVTV
DTPYLGNRLDDVRNRFKLPPQLRMKNFETSTLSFSPEENFGDDSGLAAYVAKAIDPSISWEDIKWLRRLTSLPIVAKGIL
RGDDAREAVKHGLNGILVSNHGARQLDGVPATIDVLPEIVEAVEGKVEVFLDGGVRKGTDVLKALALGAKAVFVGRPIVW
GLAFQGEKGVQDVLEILKEEFRLAMALSGCQNVKVIDKTLVRKNPLAVS
;
_entity_poly.pdbx_strand_id   A
#
# COMPACT_ATOMS: atom_id res chain seq x y z
N ARG A 5 1.41 -21.85 -16.04
CA ARG A 5 0.20 -21.13 -15.54
C ARG A 5 0.24 -19.56 -15.42
N LEU A 6 0.75 -18.95 -14.33
CA LEU A 6 0.45 -17.52 -14.00
C LEU A 6 1.69 -16.72 -14.29
N ILE A 7 1.63 -15.84 -15.29
CA ILE A 7 2.86 -15.17 -15.77
C ILE A 7 2.84 -13.66 -15.69
N CYS A 8 1.73 -13.10 -15.24
CA CYS A 8 1.58 -11.65 -15.09
C CYS A 8 0.59 -11.43 -13.94
N ILE A 9 0.50 -10.23 -13.43
CA ILE A 9 -0.35 -9.91 -12.29
C ILE A 9 -1.83 -10.17 -12.61
N ASN A 10 -2.26 -9.83 -13.81
CA ASN A 10 -3.69 -10.10 -14.18
C ASN A 10 -4.03 -11.58 -14.07
N ASP A 11 -3.11 -12.46 -14.41
CA ASP A 11 -3.37 -13.92 -14.22
C ASP A 11 -3.65 -14.27 -12.77
N TYR A 12 -2.94 -13.64 -11.85
CA TYR A 12 -3.13 -13.90 -10.41
C TYR A 12 -4.51 -13.44 -9.95
N GLU A 13 -4.98 -12.30 -10.44
CA GLU A 13 -6.33 -11.90 -10.09
C GLU A 13 -7.36 -12.90 -10.61
N GLN A 14 -7.18 -13.32 -11.87
CA GLN A 14 -8.16 -14.25 -12.45
C GLN A 14 -8.18 -15.55 -11.67
N HIS A 15 -7.04 -16.03 -11.23
CA HIS A 15 -6.98 -17.23 -10.41
C HIS A 15 -7.66 -17.02 -9.06
N ALA A 16 -7.41 -15.86 -8.45
CA ALA A 16 -8.01 -15.54 -7.17
C ALA A 16 -9.53 -15.54 -7.24
N LYS A 17 -10.08 -14.97 -8.31
CA LYS A 17 -11.53 -14.95 -8.50
C LYS A 17 -12.08 -16.38 -8.56
N SER A 18 -11.32 -17.31 -9.13
CA SER A 18 -11.78 -18.68 -9.29
C SER A 18 -11.73 -19.48 -7.99
N VAL A 19 -10.86 -19.14 -7.04
CA VAL A 19 -10.74 -19.89 -5.80
C VAL A 19 -11.35 -19.25 -4.56
N LEU A 20 -11.49 -17.92 -4.53
CA LEU A 20 -11.97 -17.27 -3.32
C LEU A 20 -13.47 -17.24 -3.21
N PRO A 21 -14.01 -17.35 -1.99
CA PRO A 21 -15.45 -17.07 -1.85
C PRO A 21 -15.81 -15.68 -2.38
N LYS A 22 -16.98 -15.56 -2.99
CA LYS A 22 -17.41 -14.29 -3.59
C LYS A 22 -17.27 -13.08 -2.68
N SER A 23 -17.73 -13.17 -1.43
CA SER A 23 -17.69 -12.01 -0.57
C SER A 23 -16.26 -11.53 -0.28
N ILE A 24 -15.31 -12.48 -0.24
CA ILE A 24 -13.93 -12.17 0.02
C ILE A 24 -13.32 -11.56 -1.24
N TYR A 25 -13.53 -12.19 -2.40
CA TYR A 25 -13.00 -11.62 -3.65
C TYR A 25 -13.55 -10.19 -3.87
N ASP A 26 -14.83 -10.01 -3.62
CA ASP A 26 -15.48 -8.71 -3.84
C ASP A 26 -14.94 -7.68 -2.87
N TYR A 27 -14.72 -8.04 -1.61
CA TYR A 27 -14.12 -7.12 -0.65
C TYR A 27 -12.78 -6.62 -1.16
N TYR A 28 -11.95 -7.53 -1.64
CA TYR A 28 -10.61 -7.17 -2.06
C TYR A 28 -10.64 -6.35 -3.38
N ARG A 29 -11.49 -6.77 -4.34
CA ARG A 29 -11.53 -6.17 -5.67
C ARG A 29 -12.12 -4.77 -5.66
N SER A 30 -13.12 -4.56 -4.84
CA SER A 30 -14.04 -3.42 -4.98
C SER A 30 -13.38 -2.07 -4.86
N GLY A 31 -13.98 -1.13 -5.58
CA GLY A 31 -13.75 0.27 -5.33
C GLY A 31 -15.04 0.87 -4.76
N ALA A 32 -15.03 2.20 -4.59
CA ALA A 32 -16.21 2.91 -4.07
C ALA A 32 -17.25 3.18 -5.13
N ASN A 33 -18.53 3.06 -4.77
CA ASN A 33 -19.62 3.54 -5.63
C ASN A 33 -19.52 2.98 -7.03
N ASP A 34 -19.57 3.80 -8.08
CA ASP A 34 -19.58 3.24 -9.44
C ASP A 34 -18.18 2.84 -9.94
N GLU A 35 -17.16 2.97 -9.08
CA GLU A 35 -15.82 2.48 -9.40
C GLU A 35 -15.16 3.17 -10.60
N GLU A 36 -15.44 4.47 -10.74
CA GLU A 36 -14.83 5.30 -11.78
C GLU A 36 -13.32 5.44 -11.54
N THR A 37 -12.93 5.76 -10.32
CA THR A 37 -11.52 5.95 -10.03
C THR A 37 -10.78 4.58 -10.11
N LEU A 38 -11.48 3.50 -9.74
CA LEU A 38 -10.87 2.17 -9.83
C LEU A 38 -10.38 1.87 -11.25
N ALA A 39 -11.22 2.17 -12.22
CA ALA A 39 -10.86 1.97 -13.59
C ALA A 39 -9.76 2.93 -14.00
N ASP A 40 -9.85 4.19 -13.55
CA ASP A 40 -8.90 5.19 -13.99
C ASP A 40 -7.50 5.00 -13.40
N ASN A 41 -7.38 4.41 -12.21
CA ASN A 41 -6.04 4.15 -11.68
C ASN A 41 -5.23 3.31 -12.64
N ILE A 42 -5.89 2.38 -13.37
CA ILE A 42 -5.22 1.58 -14.38
C ILE A 42 -5.15 2.30 -15.73
N ALA A 43 -6.25 2.88 -16.18
CA ALA A 43 -6.27 3.56 -17.50
C ALA A 43 -5.29 4.70 -17.61
N ALA A 44 -5.15 5.43 -16.51
CA ALA A 44 -4.25 6.56 -16.48
C ALA A 44 -2.82 6.19 -16.80
N PHE A 45 -2.38 5.05 -16.30
CA PHE A 45 -1.03 4.62 -16.61
C PHE A 45 -0.85 4.46 -18.11
N SER A 46 -1.90 3.93 -18.77
CA SER A 46 -1.79 3.70 -20.22
C SER A 46 -1.69 5.01 -21.01
N ARG A 47 -2.25 6.13 -20.49
CA ARG A 47 -2.13 7.41 -21.20
C ARG A 47 -0.74 8.03 -21.15
N TRP A 48 0.06 7.66 -20.15
CA TRP A 48 1.42 8.14 -20.06
C TRP A 48 2.28 7.26 -20.98
N LYS A 49 2.84 7.87 -22.01
CA LYS A 49 3.62 7.11 -22.98
C LYS A 49 5.12 7.20 -22.67
N LEU A 50 5.84 6.18 -23.06
CA LEU A 50 7.27 6.03 -22.79
C LEU A 50 8.09 6.40 -24.03
N TYR A 51 9.17 7.12 -23.77
CA TYR A 51 10.11 7.61 -24.79
C TYR A 51 11.49 7.05 -24.51
N PRO A 52 11.74 5.79 -24.90
CA PRO A 52 12.95 5.06 -24.50
C PRO A 52 14.21 5.54 -25.18
N ARG A 53 15.30 5.56 -24.43
CA ARG A 53 16.62 5.78 -25.02
C ARG A 53 17.23 4.44 -25.40
N MET A 54 17.93 4.45 -26.53
CA MET A 54 18.59 3.26 -27.05
C MET A 54 20.10 3.37 -26.80
N LEU A 55 20.76 2.23 -26.78
CA LEU A 55 22.22 2.17 -26.88
C LEU A 55 22.91 2.78 -25.65
N ARG A 56 22.37 2.48 -24.47
CA ARG A 56 22.89 3.05 -23.21
C ARG A 56 23.71 2.09 -22.37
N ASN A 57 23.84 0.85 -22.80
CA ASN A 57 24.50 -0.22 -22.02
C ASN A 57 23.68 -0.61 -20.80
N VAL A 58 22.84 -1.63 -20.96
CA VAL A 58 21.95 -2.07 -19.90
C VAL A 58 22.23 -3.52 -19.52
N ALA A 59 23.48 -3.95 -19.67
CA ALA A 59 23.88 -5.27 -19.24
C ALA A 59 23.75 -5.43 -17.74
N GLU A 60 23.90 -4.34 -16.97
CA GLU A 60 24.01 -4.51 -15.48
C GLU A 60 22.98 -3.80 -14.65
N THR A 61 21.72 -4.05 -14.92
CA THR A 61 20.67 -3.19 -14.35
C THR A 61 20.56 -3.34 -12.85
N ASP A 62 20.58 -2.22 -12.14
CA ASP A 62 20.57 -2.17 -10.68
C ASP A 62 19.23 -1.57 -10.28
N LEU A 63 18.39 -2.37 -9.66
CA LEU A 63 17.01 -1.91 -9.30
C LEU A 63 16.96 -1.34 -7.88
N SER A 64 18.06 -1.43 -7.14
CA SER A 64 18.02 -1.03 -5.74
C SER A 64 17.79 0.45 -5.53
N THR A 65 17.21 0.76 -4.38
CA THR A 65 16.99 2.14 -4.02
C THR A 65 16.88 2.21 -2.48
N SER A 66 16.31 3.29 -1.97
N SER A 66 16.30 3.27 -1.96
N SER A 66 16.31 3.29 -1.97
N SER A 66 16.30 3.27 -1.96
CA SER A 66 16.16 3.51 -0.53
CA SER A 66 16.05 3.33 -0.54
CA SER A 66 16.16 3.51 -0.53
CA SER A 66 16.05 3.33 -0.54
C SER A 66 14.80 4.15 -0.24
C SER A 66 14.69 3.98 -0.33
C SER A 66 14.80 4.15 -0.24
C SER A 66 14.69 3.98 -0.33
N VAL A 67 14.15 3.73 0.84
CA VAL A 67 12.84 4.29 1.26
C VAL A 67 13.08 4.82 2.66
N LEU A 68 12.98 6.13 2.80
CA LEU A 68 13.21 6.78 4.10
C LEU A 68 14.55 6.35 4.75
N GLY A 69 15.58 6.22 3.90
CA GLY A 69 16.93 5.86 4.34
C GLY A 69 17.26 4.38 4.46
N GLN A 70 16.28 3.51 4.29
CA GLN A 70 16.49 2.08 4.40
C GLN A 70 16.60 1.52 2.98
N ARG A 71 17.67 0.77 2.71
CA ARG A 71 17.88 0.17 1.42
C ARG A 71 16.82 -0.90 1.15
N VAL A 72 16.37 -0.92 -0.11
CA VAL A 72 15.48 -1.97 -0.63
C VAL A 72 16.02 -2.46 -1.96
N SER A 73 15.64 -3.68 -2.34
CA SER A 73 16.15 -4.30 -3.58
C SER A 73 15.51 -3.77 -4.85
N MET A 74 14.40 -3.05 -4.70
CA MET A 74 13.62 -2.55 -5.85
C MET A 74 12.66 -1.48 -5.32
N PRO A 75 12.23 -0.56 -6.17
CA PRO A 75 11.33 0.53 -5.73
C PRO A 75 9.86 0.10 -5.73
N ILE A 76 9.62 -1.10 -5.25
CA ILE A 76 8.33 -1.80 -5.32
C ILE A 76 8.14 -2.45 -3.94
N CYS A 77 7.17 -1.94 -3.19
CA CYS A 77 6.98 -2.35 -1.79
C CYS A 77 5.54 -2.79 -1.59
N VAL A 78 5.32 -3.53 -0.50
CA VAL A 78 3.98 -4.05 -0.19
C VAL A 78 3.20 -3.01 0.60
N GLY A 79 2.04 -2.62 0.05
CA GLY A 79 1.15 -1.71 0.73
C GLY A 79 0.23 -2.40 1.72
N ALA A 80 -0.31 -1.63 2.67
CA ALA A 80 -1.25 -2.15 3.69
C ALA A 80 -2.57 -2.63 3.06
N THR A 81 -2.88 -3.90 3.26
CA THR A 81 -4.18 -4.44 2.87
C THR A 81 -4.69 -5.23 4.05
N ALA A 82 -5.85 -4.82 4.55
CA ALA A 82 -6.40 -5.43 5.73
C ALA A 82 -6.72 -6.94 5.59
N MET A 83 -6.66 -7.63 6.71
CA MET A 83 -7.34 -8.92 6.82
C MET A 83 -6.85 -9.97 5.83
N GLN A 84 -5.53 -10.10 5.72
CA GLN A 84 -4.93 -10.99 4.74
C GLN A 84 -5.16 -12.48 4.96
N ARG A 85 -5.49 -12.89 6.19
CA ARG A 85 -5.82 -14.28 6.44
C ARG A 85 -7.12 -14.74 5.77
N MET A 86 -7.95 -13.82 5.27
CA MET A 86 -9.07 -14.22 4.41
C MET A 86 -8.62 -14.86 3.11
N ALA A 87 -7.44 -14.47 2.63
CA ALA A 87 -6.96 -14.92 1.33
C ALA A 87 -6.19 -16.21 1.45
N HIS A 88 -5.55 -16.40 2.59
CA HIS A 88 -4.68 -17.57 2.84
C HIS A 88 -4.48 -17.72 4.32
N VAL A 89 -4.47 -18.95 4.80
CA VAL A 89 -4.37 -19.19 6.22
C VAL A 89 -3.21 -18.46 6.93
N ASP A 90 -2.07 -18.26 6.26
CA ASP A 90 -0.89 -17.65 6.90
C ASP A 90 -0.87 -16.11 6.77
N GLY A 91 -1.76 -15.56 5.93
CA GLY A 91 -1.97 -14.13 5.80
C GLY A 91 -0.71 -13.31 5.81
N GLU A 92 -0.69 -12.34 6.73
CA GLU A 92 0.39 -11.37 6.87
C GLU A 92 1.76 -12.02 7.20
N LEU A 93 1.75 -13.20 7.84
CA LEU A 93 3.01 -13.92 8.10
C LEU A 93 3.64 -14.38 6.79
N ALA A 94 2.83 -14.93 5.91
CA ALA A 94 3.29 -15.25 4.57
C ALA A 94 3.82 -14.00 3.84
N THR A 95 3.08 -12.89 3.92
CA THR A 95 3.51 -11.70 3.23
C THR A 95 4.86 -11.21 3.70
N VAL A 96 5.08 -11.17 5.03
CA VAL A 96 6.31 -10.61 5.54
C VAL A 96 7.51 -11.51 5.18
N ARG A 97 7.28 -12.82 5.18
CA ARG A 97 8.33 -13.75 4.81
C ARG A 97 8.76 -13.56 3.36
N ALA A 98 7.79 -13.32 2.47
CA ALA A 98 8.08 -13.04 1.07
C ALA A 98 8.86 -11.73 0.91
N CYS A 99 8.46 -10.67 1.62
CA CYS A 99 9.21 -9.40 1.58
C CYS A 99 10.65 -9.61 2.05
N GLN A 100 10.84 -10.39 3.11
CA GLN A 100 12.20 -10.66 3.61
C GLN A 100 13.04 -11.33 2.49
N SER A 101 12.46 -12.30 1.82
CA SER A 101 13.15 -13.01 0.73
C SER A 101 13.51 -12.07 -0.42
N LEU A 102 12.59 -11.19 -0.79
CA LEU A 102 12.81 -10.27 -1.89
C LEU A 102 13.75 -9.13 -1.55
N GLY A 103 13.86 -8.79 -0.27
CA GLY A 103 14.60 -7.58 0.11
C GLY A 103 13.83 -6.30 -0.03
N THR A 104 12.52 -6.37 0.09
CA THR A 104 11.70 -5.18 0.05
C THR A 104 10.90 -5.04 1.35
N GLY A 105 10.16 -3.95 1.46
CA GLY A 105 9.46 -3.63 2.68
C GLY A 105 7.99 -3.94 2.63
N MET A 106 7.46 -4.22 3.83
CA MET A 106 6.04 -4.47 4.02
C MET A 106 5.44 -3.40 4.94
N MET A 107 4.39 -2.74 4.43
CA MET A 107 3.57 -1.87 5.23
C MET A 107 2.40 -2.70 5.84
N LEU A 108 2.38 -2.82 7.17
CA LEU A 108 1.41 -3.65 7.89
C LEU A 108 0.15 -2.82 8.25
N SER A 109 -1.00 -3.33 7.87
CA SER A 109 -2.26 -2.70 8.19
C SER A 109 -2.54 -2.68 9.67
N SER A 110 -3.11 -1.60 10.16
CA SER A 110 -3.68 -1.58 11.54
C SER A 110 -4.79 -2.64 11.68
N TRP A 111 -5.44 -2.99 10.58
CA TRP A 111 -6.54 -3.99 10.53
C TRP A 111 -6.09 -5.37 10.05
N ALA A 112 -4.85 -5.69 10.39
CA ALA A 112 -4.30 -6.99 10.08
C ALA A 112 -4.94 -8.11 10.88
N THR A 113 -5.00 -9.30 10.27
CA THR A 113 -5.40 -10.53 10.94
C THR A 113 -4.25 -11.25 11.66
N SER A 114 -3.12 -10.54 11.83
CA SER A 114 -1.96 -10.97 12.56
C SER A 114 -1.43 -9.76 13.34
N SER A 115 -0.85 -10.00 14.51
CA SER A 115 -0.41 -8.87 15.34
C SER A 115 0.93 -8.27 14.89
N ILE A 116 1.14 -7.03 15.29
CA ILE A 116 2.41 -6.34 15.13
C ILE A 116 3.60 -7.23 15.57
N GLU A 117 3.47 -7.82 16.74
CA GLU A 117 4.52 -8.73 17.23
C GLU A 117 4.63 -10.03 16.41
N GLU A 118 3.52 -10.66 16.05
CA GLU A 118 3.56 -11.91 15.26
C GLU A 118 4.28 -11.66 13.91
N VAL A 119 3.99 -10.51 13.28
CA VAL A 119 4.58 -10.22 12.00
C VAL A 119 6.07 -9.93 12.14
N ALA A 120 6.47 -9.20 13.18
CA ALA A 120 7.91 -8.99 13.45
C ALA A 120 8.65 -10.31 13.72
N GLU A 121 8.01 -11.25 14.41
CA GLU A 121 8.61 -12.56 14.69
C GLU A 121 8.75 -13.43 13.42
N ALA A 122 7.79 -13.32 12.49
CA ALA A 122 7.85 -14.08 11.25
C ALA A 122 8.87 -13.47 10.27
N GLY A 123 9.10 -12.15 10.35
CA GLY A 123 9.98 -11.45 9.44
C GLY A 123 10.94 -10.55 10.15
N PRO A 124 11.77 -11.12 11.04
CA PRO A 124 12.62 -10.26 11.88
C PRO A 124 13.58 -9.39 11.07
N GLU A 125 14.12 -9.93 10.00
CA GLU A 125 15.03 -9.22 9.12
C GLU A 125 14.37 -8.41 8.02
N ALA A 126 13.05 -8.53 7.88
CA ALA A 126 12.35 -7.79 6.84
C ALA A 126 12.21 -6.31 7.24
N LEU A 127 12.30 -5.42 6.25
CA LEU A 127 11.96 -4.01 6.44
C LEU A 127 10.44 -3.90 6.59
N ARG A 128 10.00 -3.30 7.71
CA ARG A 128 8.59 -3.31 8.07
C ARG A 128 8.17 -1.93 8.56
N TRP A 129 6.97 -1.49 8.16
CA TRP A 129 6.43 -0.21 8.57
C TRP A 129 4.98 -0.48 9.04
N LEU A 130 4.45 0.40 9.91
CA LEU A 130 3.08 0.30 10.37
C LEU A 130 2.21 1.32 9.71
N GLN A 131 1.12 0.86 9.10
CA GLN A 131 0.04 1.78 8.70
C GLN A 131 -0.89 1.98 9.90
N LEU A 132 -1.07 3.24 10.27
CA LEU A 132 -1.85 3.64 11.43
C LEU A 132 -3.14 4.34 11.05
N TYR A 133 -4.22 3.91 11.69
CA TYR A 133 -5.45 4.69 11.77
C TYR A 133 -5.49 5.37 13.13
N ILE A 134 -6.01 6.59 13.15
CA ILE A 134 -6.24 7.33 14.38
C ILE A 134 -7.62 6.92 14.94
N TYR A 135 -7.57 6.06 15.97
CA TYR A 135 -8.78 5.58 16.65
C TYR A 135 -9.30 6.68 17.56
N LYS A 136 -10.64 6.69 17.73
CA LYS A 136 -11.23 7.60 18.75
C LYS A 136 -10.50 7.44 20.09
N ASP A 137 -10.18 6.19 20.43
CA ASP A 137 -9.42 5.86 21.62
C ASP A 137 -7.93 6.12 21.30
N ARG A 138 -7.40 7.22 21.79
CA ARG A 138 -5.99 7.58 21.58
C ARG A 138 -5.03 6.70 22.33
N GLU A 139 -5.50 6.05 23.38
CA GLU A 139 -4.65 5.08 24.10
C GLU A 139 -4.39 3.83 23.21
N VAL A 140 -5.41 3.33 22.52
CA VAL A 140 -5.27 2.24 21.51
C VAL A 140 -4.24 2.68 20.46
N THR A 141 -4.41 3.91 19.99
CA THR A 141 -3.58 4.43 18.93
C THR A 141 -2.13 4.50 19.36
N LYS A 142 -1.88 5.07 20.54
CA LYS A 142 -0.56 5.14 21.13
C LYS A 142 0.08 3.76 21.27
N LYS A 143 -0.69 2.78 21.72
CA LYS A 143 -0.20 1.39 21.95
C LYS A 143 0.31 0.81 20.64
N LEU A 144 -0.41 1.04 19.56
CA LEU A 144 0.00 0.59 18.24
C LEU A 144 1.34 1.17 17.86
N VAL A 145 1.48 2.49 17.99
CA VAL A 145 2.75 3.19 17.69
C VAL A 145 3.87 2.66 18.58
N ARG A 146 3.59 2.48 19.86
CA ARG A 146 4.62 1.96 20.80
C ARG A 146 5.05 0.55 20.48
N GLN A 147 4.11 -0.31 20.10
N GLN A 147 4.11 -0.31 20.10
N GLN A 147 4.10 -0.31 20.10
N GLN A 147 4.10 -0.31 20.10
CA GLN A 147 4.43 -1.68 19.70
CA GLN A 147 4.43 -1.68 19.70
CA GLN A 147 4.40 -1.70 19.71
CA GLN A 147 4.40 -1.70 19.71
C GLN A 147 5.28 -1.70 18.43
C GLN A 147 5.28 -1.70 18.43
C GLN A 147 5.21 -1.74 18.41
C GLN A 147 5.21 -1.74 18.41
N ALA A 148 4.92 -0.85 17.47
CA ALA A 148 5.72 -0.70 16.23
C ALA A 148 7.16 -0.34 16.52
N GLU A 149 7.36 0.64 17.40
CA GLU A 149 8.68 1.05 17.86
C GLU A 149 9.46 -0.09 18.50
N LYS A 150 8.82 -0.75 19.47
CA LYS A 150 9.44 -1.85 20.24
C LYS A 150 9.80 -3.03 19.35
N MET A 151 8.99 -3.25 18.32
CA MET A 151 9.14 -4.41 17.44
C MET A 151 9.93 -4.17 16.15
N GLY A 152 10.61 -3.05 16.03
CA GLY A 152 11.59 -2.86 14.99
C GLY A 152 11.02 -2.33 13.69
N TYR A 153 9.82 -1.76 13.73
CA TYR A 153 9.20 -1.14 12.54
C TYR A 153 9.91 0.19 12.33
N LYS A 154 10.07 0.63 11.07
CA LYS A 154 10.90 1.76 10.72
C LYS A 154 10.19 3.04 10.34
N ALA A 155 8.87 3.01 10.21
CA ALA A 155 8.11 4.22 9.92
C ALA A 155 6.64 3.98 10.23
N ILE A 156 5.91 5.08 10.32
CA ILE A 156 4.45 5.09 10.49
C ILE A 156 3.88 5.72 9.23
N PHE A 157 2.94 5.03 8.58
CA PHE A 157 2.17 5.58 7.46
C PHE A 157 0.80 5.89 8.04
N VAL A 158 0.53 7.18 8.28
CA VAL A 158 -0.76 7.56 8.86
C VAL A 158 -1.76 7.79 7.74
N THR A 159 -2.87 7.04 7.77
CA THR A 159 -3.89 7.13 6.73
C THR A 159 -4.76 8.32 7.07
N VAL A 160 -4.88 9.24 6.11
CA VAL A 160 -5.57 10.53 6.35
C VAL A 160 -6.81 10.73 5.49
N ASP A 161 -7.21 9.70 4.72
CA ASP A 161 -8.36 9.78 3.78
C ASP A 161 -9.59 8.98 4.17
N THR A 162 -9.66 8.54 5.43
CA THR A 162 -10.68 7.61 5.92
C THR A 162 -11.30 8.08 7.25
N PRO A 163 -11.87 9.30 7.26
CA PRO A 163 -12.63 9.70 8.48
C PRO A 163 -13.86 8.81 8.68
N TYR A 164 -14.40 8.33 7.55
CA TYR A 164 -15.44 7.33 7.46
C TYR A 164 -14.99 6.38 6.35
N LEU A 165 -15.56 5.19 6.30
CA LEU A 165 -15.30 4.27 5.20
C LEU A 165 -16.07 4.67 3.94
N GLY A 166 -15.39 4.52 2.81
CA GLY A 166 -16.07 4.60 1.53
C GLY A 166 -17.19 3.59 1.41
N ASN A 167 -18.08 3.84 0.46
CA ASN A 167 -19.25 2.99 0.21
C ASN A 167 -18.96 2.03 -0.94
N ARG A 168 -18.51 0.82 -0.58
CA ARG A 168 -18.20 -0.26 -1.56
C ARG A 168 -19.46 -1.09 -1.70
N LEU A 169 -20.11 -0.96 -2.85
CA LEU A 169 -21.44 -1.51 -3.04
C LEU A 169 -21.53 -3.01 -2.83
N ASP A 170 -20.60 -3.78 -3.38
CA ASP A 170 -20.66 -5.21 -3.14
C ASP A 170 -20.57 -5.58 -1.66
N ASP A 171 -19.76 -4.87 -0.87
CA ASP A 171 -19.66 -5.18 0.58
C ASP A 171 -21.00 -4.96 1.27
N VAL A 172 -21.73 -3.93 0.82
CA VAL A 172 -23.06 -3.68 1.35
C VAL A 172 -24.00 -4.81 0.93
N ARG A 173 -23.98 -5.19 -0.35
CA ARG A 173 -24.79 -6.32 -0.84
C ARG A 173 -24.48 -7.61 -0.12
N ASN A 174 -23.20 -7.89 0.06
CA ASN A 174 -22.76 -9.14 0.69
C ASN A 174 -22.78 -9.09 2.23
N ARG A 175 -23.06 -7.91 2.80
CA ARG A 175 -22.99 -7.73 4.25
C ARG A 175 -21.63 -8.22 4.81
N PHE A 176 -20.57 -7.63 4.23
CA PHE A 176 -19.22 -8.10 4.46
C PHE A 176 -18.91 -8.14 5.97
N LYS A 177 -18.26 -9.22 6.38
CA LYS A 177 -17.77 -9.46 7.75
C LYS A 177 -16.58 -10.44 7.67
N LEU A 178 -15.77 -10.50 8.73
CA LEU A 178 -14.75 -11.53 8.76
C LEU A 178 -15.35 -12.94 8.85
N PRO A 179 -14.66 -13.94 8.26
CA PRO A 179 -14.95 -15.35 8.52
C PRO A 179 -14.84 -15.64 10.03
N PRO A 180 -15.56 -16.67 10.50
CA PRO A 180 -15.69 -16.94 11.95
C PRO A 180 -14.38 -17.13 12.73
N GLN A 181 -13.36 -17.75 12.12
CA GLN A 181 -12.15 -18.08 12.86
C GLN A 181 -11.18 -16.90 12.96
N LEU A 182 -11.48 -15.74 12.34
CA LEU A 182 -10.49 -14.64 12.23
C LEU A 182 -10.88 -13.42 13.03
N ARG A 183 -9.87 -12.62 13.36
CA ARG A 183 -10.05 -11.34 14.03
C ARG A 183 -9.01 -10.35 13.58
N MET A 184 -9.29 -9.06 13.80
CA MET A 184 -8.23 -8.04 13.74
C MET A 184 -7.42 -8.18 15.02
N LYS A 185 -6.20 -8.68 14.87
CA LYS A 185 -5.42 -9.19 15.98
C LYS A 185 -4.65 -8.18 16.81
N ASN A 186 -4.70 -6.88 16.46
CA ASN A 186 -4.04 -5.87 17.23
C ASN A 186 -4.82 -5.32 18.39
N PHE A 187 -6.02 -5.87 18.61
CA PHE A 187 -6.98 -5.32 19.57
C PHE A 187 -7.56 -6.48 20.34
N GLU A 188 -8.09 -6.17 21.52
CA GLU A 188 -8.49 -7.21 22.47
C GLU A 188 -10.00 -7.28 22.77
N THR A 189 -10.72 -6.18 22.52
CA THR A 189 -12.18 -6.17 22.69
C THR A 189 -12.90 -6.71 21.43
N SER A 190 -14.08 -7.28 21.65
CA SER A 190 -14.87 -7.92 20.58
C SER A 190 -15.16 -6.90 19.45
N THR A 191 -15.42 -5.64 19.78
CA THR A 191 -15.76 -4.64 18.75
C THR A 191 -14.49 -4.19 18.02
N LEU A 192 -13.44 -3.82 18.77
CA LEU A 192 -12.21 -3.34 18.12
C LEU A 192 -11.52 -4.43 17.31
N SER A 193 -11.74 -5.70 17.67
CA SER A 193 -11.22 -6.84 16.91
C SER A 193 -12.06 -7.20 15.68
N PHE A 194 -13.14 -6.45 15.42
CA PHE A 194 -14.05 -6.74 14.31
C PHE A 194 -14.60 -8.17 14.39
N SER A 195 -14.96 -8.59 15.61
CA SER A 195 -15.43 -9.95 15.79
C SER A 195 -16.71 -10.10 14.95
N PRO A 196 -16.76 -11.12 14.08
CA PRO A 196 -18.06 -11.44 13.58
C PRO A 196 -18.71 -12.04 14.83
N GLU A 197 -19.99 -12.28 14.82
CA GLU A 197 -20.67 -12.52 16.09
C GLU A 197 -20.86 -11.22 16.92
N GLU A 198 -20.38 -10.05 16.47
CA GLU A 198 -20.73 -8.76 17.14
C GLU A 198 -21.56 -7.87 16.21
N ASN A 199 -22.41 -7.01 16.80
CA ASN A 199 -23.42 -6.24 16.03
C ASN A 199 -22.78 -5.11 15.22
N PHE A 200 -22.60 -5.35 13.90
CA PHE A 200 -22.08 -4.33 12.96
C PHE A 200 -23.12 -3.91 11.91
N GLY A 201 -24.38 -3.89 12.34
CA GLY A 201 -25.48 -3.38 11.51
C GLY A 201 -25.86 -4.32 10.37
N ASP A 202 -26.63 -3.79 9.43
CA ASP A 202 -27.26 -4.60 8.38
C ASP A 202 -26.67 -4.32 7.00
N ASP A 203 -25.63 -3.47 6.91
CA ASP A 203 -24.99 -3.09 5.62
C ASP A 203 -23.57 -3.64 5.62
N SER A 204 -22.56 -2.90 5.18
CA SER A 204 -21.17 -3.43 5.31
C SER A 204 -20.75 -3.45 6.76
N GLY A 205 -20.30 -4.61 7.25
CA GLY A 205 -19.79 -4.68 8.62
C GLY A 205 -18.63 -3.76 8.84
N LEU A 206 -17.77 -3.67 7.82
CA LEU A 206 -16.58 -2.85 8.00
C LEU A 206 -16.92 -1.37 8.06
N ALA A 207 -17.92 -0.90 7.28
CA ALA A 207 -18.29 0.54 7.38
C ALA A 207 -18.78 0.86 8.78
N ALA A 208 -19.57 -0.03 9.36
CA ALA A 208 -20.04 0.13 10.75
C ALA A 208 -18.90 0.05 11.78
N TYR A 209 -17.92 -0.85 11.54
CA TYR A 209 -16.72 -0.90 12.40
C TYR A 209 -16.01 0.43 12.42
N VAL A 210 -15.76 0.99 11.22
CA VAL A 210 -15.08 2.28 11.14
C VAL A 210 -15.84 3.36 11.87
N ALA A 211 -17.17 3.39 11.67
CA ALA A 211 -18.01 4.41 12.30
C ALA A 211 -17.91 4.34 13.84
N LYS A 212 -17.82 3.12 14.36
CA LYS A 212 -17.67 2.90 15.82
C LYS A 212 -16.30 3.17 16.36
N ALA A 213 -15.24 2.87 15.60
CA ALA A 213 -13.85 2.88 16.09
C ALA A 213 -12.94 4.04 15.67
N ILE A 214 -13.08 4.49 14.43
CA ILE A 214 -12.15 5.42 13.82
C ILE A 214 -12.70 6.86 13.98
N ASP A 215 -11.82 7.79 14.30
CA ASP A 215 -12.23 9.16 14.64
C ASP A 215 -12.45 10.07 13.40
N PRO A 216 -13.72 10.44 13.13
CA PRO A 216 -13.95 11.34 11.99
C PRO A 216 -13.56 12.78 12.20
N SER A 217 -13.23 13.13 13.45
CA SER A 217 -12.81 14.48 13.74
C SER A 217 -11.37 14.77 13.48
N ILE A 218 -10.60 13.82 12.99
CA ILE A 218 -9.21 14.17 12.99
C ILE A 218 -8.85 15.28 12.04
N SER A 219 -7.84 16.02 12.50
CA SER A 219 -7.44 17.23 11.85
C SER A 219 -5.93 17.30 11.89
N TRP A 220 -5.43 18.37 11.33
CA TRP A 220 -4.01 18.69 11.45
C TRP A 220 -3.50 18.74 12.88
N GLU A 221 -4.36 19.06 13.83
CA GLU A 221 -3.97 19.03 15.24
C GLU A 221 -3.56 17.63 15.72
N ASP A 222 -4.25 16.61 15.21
CA ASP A 222 -3.95 15.21 15.50
C ASP A 222 -2.64 14.75 14.85
N ILE A 223 -2.31 15.32 13.69
CA ILE A 223 -0.99 15.10 13.07
C ILE A 223 0.06 15.72 13.96
N LYS A 224 -0.18 16.91 14.51
CA LYS A 224 0.76 17.52 15.48
C LYS A 224 1.00 16.60 16.67
N TRP A 225 -0.08 15.98 17.19
CA TRP A 225 -0.03 15.04 18.35
C TRP A 225 0.83 13.82 17.97
N LEU A 226 0.59 13.29 16.77
CA LEU A 226 1.28 12.08 16.35
C LEU A 226 2.78 12.39 16.15
N ARG A 227 3.08 13.58 15.62
CA ARG A 227 4.46 13.98 15.35
C ARG A 227 5.24 14.15 16.68
N ARG A 228 4.53 14.52 17.73
CA ARG A 228 5.13 14.68 19.07
C ARG A 228 5.25 13.29 19.80
N LEU A 229 4.39 12.33 19.43
CA LEU A 229 4.28 11.04 20.04
C LEU A 229 5.47 10.14 19.71
N THR A 230 5.94 10.23 18.46
CA THR A 230 6.98 9.32 17.97
C THR A 230 8.05 10.06 17.20
N SER A 231 9.29 9.61 17.36
CA SER A 231 10.36 10.17 16.55
C SER A 231 10.57 9.30 15.29
N LEU A 232 9.81 8.21 15.11
CA LEU A 232 9.85 7.46 13.83
C LEU A 232 9.47 8.35 12.67
N PRO A 233 10.01 8.07 11.47
CA PRO A 233 9.53 8.76 10.29
C PRO A 233 8.02 8.54 10.14
N ILE A 234 7.31 9.59 9.72
CA ILE A 234 5.86 9.53 9.52
C ILE A 234 5.56 9.95 8.10
N VAL A 235 4.79 9.12 7.37
CA VAL A 235 4.36 9.42 6.01
C VAL A 235 2.87 9.64 6.04
N ALA A 236 2.43 10.71 5.39
CA ALA A 236 0.96 10.96 5.22
C ALA A 236 0.47 10.17 4.04
N LYS A 237 -0.44 9.25 4.27
CA LYS A 237 -0.96 8.36 3.23
C LYS A 237 -2.38 8.76 2.86
N GLY A 238 -2.60 9.09 1.58
CA GLY A 238 -3.91 9.48 1.08
C GLY A 238 -4.05 10.90 0.63
N ILE A 239 -2.94 11.61 0.53
CA ILE A 239 -2.92 12.97 0.05
C ILE A 239 -3.10 13.04 -1.47
N LEU A 240 -3.99 13.93 -1.92
CA LEU A 240 -4.28 14.11 -3.33
C LEU A 240 -4.14 15.57 -3.85
N ARG A 241 -3.90 16.53 -2.96
CA ARG A 241 -3.76 17.93 -3.28
C ARG A 241 -2.38 18.45 -2.87
N GLY A 242 -1.85 19.31 -3.71
CA GLY A 242 -0.58 19.97 -3.42
C GLY A 242 -0.62 20.80 -2.14
N ASP A 243 -1.75 21.47 -1.88
CA ASP A 243 -1.82 22.29 -0.64
C ASP A 243 -1.73 21.43 0.61
N ASP A 244 -2.39 20.27 0.59
CA ASP A 244 -2.31 19.36 1.72
C ASP A 244 -0.89 18.75 1.86
N ALA A 245 -0.23 18.46 0.74
CA ALA A 245 1.13 17.99 0.79
C ALA A 245 2.06 19.04 1.42
N ARG A 246 1.86 20.32 1.09
CA ARG A 246 2.70 21.35 1.69
C ARG A 246 2.43 21.45 3.20
N GLU A 247 1.15 21.30 3.59
CA GLU A 247 0.79 21.29 5.00
C GLU A 247 1.46 20.11 5.72
N ALA A 248 1.52 18.92 5.08
CA ALA A 248 2.20 17.79 5.74
C ALA A 248 3.69 18.07 6.01
N VAL A 249 4.33 18.69 5.05
CA VAL A 249 5.73 19.09 5.20
C VAL A 249 5.87 20.12 6.33
N LYS A 250 4.96 21.09 6.36
CA LYS A 250 5.00 22.12 7.42
C LYS A 250 4.87 21.51 8.84
N HIS A 251 4.13 20.42 8.97
CA HIS A 251 3.97 19.67 10.21
C HIS A 251 5.10 18.72 10.56
N GLY A 252 6.18 18.74 9.77
CA GLY A 252 7.35 17.92 10.10
C GLY A 252 7.21 16.45 9.72
N LEU A 253 6.27 16.13 8.82
CA LEU A 253 6.22 14.78 8.35
C LEU A 253 7.35 14.51 7.34
N ASN A 254 7.62 13.24 7.10
CA ASN A 254 8.83 12.79 6.39
C ASN A 254 8.58 12.15 5.03
N GLY A 255 7.33 12.14 4.58
CA GLY A 255 7.02 11.70 3.24
C GLY A 255 5.57 11.82 2.94
N ILE A 256 5.21 11.65 1.67
CA ILE A 256 3.82 11.70 1.22
C ILE A 256 3.59 10.47 0.37
N LEU A 257 2.57 9.66 0.72
CA LEU A 257 2.13 8.58 -0.13
C LEU A 257 0.85 9.05 -0.86
N VAL A 258 1.05 9.40 -2.13
CA VAL A 258 0.00 9.81 -3.03
C VAL A 258 -0.87 8.58 -3.32
N SER A 259 -2.11 8.64 -2.84
CA SER A 259 -2.95 7.48 -2.76
C SER A 259 -4.39 7.96 -2.75
N ASN A 260 -5.23 7.23 -3.48
CA ASN A 260 -6.69 7.35 -3.35
C ASN A 260 -7.26 6.11 -2.71
N HIS A 261 -6.45 5.45 -1.88
CA HIS A 261 -6.86 4.29 -1.10
C HIS A 261 -7.36 3.15 -2.01
N GLY A 262 -6.64 2.93 -3.11
CA GLY A 262 -7.02 1.91 -4.08
C GLY A 262 -8.43 2.16 -4.64
N ALA A 263 -8.81 3.43 -4.74
CA ALA A 263 -10.08 3.84 -5.26
C ALA A 263 -11.25 3.40 -4.43
N ARG A 264 -11.01 3.21 -3.13
CA ARG A 264 -12.02 2.65 -2.20
C ARG A 264 -12.70 3.67 -1.31
N GLN A 265 -12.31 4.92 -1.41
CA GLN A 265 -12.82 5.97 -0.51
C GLN A 265 -13.74 6.93 -1.26
N LEU A 266 -13.24 8.08 -1.73
CA LEU A 266 -14.09 9.00 -2.52
C LEU A 266 -13.96 8.60 -3.99
N ASP A 267 -15.07 8.21 -4.62
CA ASP A 267 -15.04 7.92 -6.06
C ASP A 267 -15.10 9.22 -6.86
N GLY A 268 -14.36 9.23 -7.97
CA GLY A 268 -14.30 10.40 -8.82
C GLY A 268 -13.10 11.29 -8.60
N VAL A 269 -12.21 10.91 -7.69
CA VAL A 269 -10.92 11.55 -7.58
C VAL A 269 -10.07 11.08 -8.77
N PRO A 270 -9.02 11.87 -9.10
CA PRO A 270 -8.13 11.47 -10.17
C PRO A 270 -7.35 10.20 -9.84
N ALA A 271 -6.84 9.59 -10.89
CA ALA A 271 -5.83 8.55 -10.74
C ALA A 271 -4.60 9.09 -10.03
N THR A 272 -3.93 8.23 -9.25
CA THR A 272 -2.76 8.69 -8.52
C THR A 272 -1.59 9.07 -9.45
N ILE A 273 -1.43 8.39 -10.58
CA ILE A 273 -0.32 8.73 -11.49
C ILE A 273 -0.55 10.11 -12.06
N ASP A 274 -1.80 10.53 -12.19
CA ASP A 274 -2.09 11.86 -12.71
C ASP A 274 -1.89 12.98 -11.70
N VAL A 275 -2.06 12.72 -10.40
CA VAL A 275 -1.87 13.78 -9.39
C VAL A 275 -0.42 13.79 -8.91
N LEU A 276 0.35 12.73 -9.15
CA LEU A 276 1.73 12.61 -8.67
C LEU A 276 2.57 13.84 -9.03
N PRO A 277 2.53 14.30 -10.32
CA PRO A 277 3.40 15.43 -10.60
C PRO A 277 3.12 16.70 -9.77
N GLU A 278 1.86 17.01 -9.53
CA GLU A 278 1.52 18.20 -8.69
C GLU A 278 2.12 18.08 -7.31
N ILE A 279 2.04 16.89 -6.74
CA ILE A 279 2.51 16.66 -5.38
C ILE A 279 4.05 16.71 -5.34
N VAL A 280 4.73 16.03 -6.27
CA VAL A 280 6.19 16.15 -6.37
C VAL A 280 6.63 17.63 -6.47
N GLU A 281 5.96 18.40 -7.32
CA GLU A 281 6.26 19.83 -7.44
C GLU A 281 6.03 20.57 -6.13
N ALA A 282 4.91 20.29 -5.46
CA ALA A 282 4.54 21.02 -4.25
C ALA A 282 5.50 20.81 -3.08
N VAL A 283 6.11 19.63 -2.97
CA VAL A 283 6.99 19.38 -1.81
C VAL A 283 8.43 19.86 -2.01
N GLU A 284 8.77 20.26 -3.23
CA GLU A 284 10.05 20.92 -3.50
C GLU A 284 11.25 20.13 -2.98
N GLY A 285 11.18 18.81 -3.10
CA GLY A 285 12.26 17.95 -2.70
C GLY A 285 12.50 17.77 -1.20
N LYS A 286 11.59 18.30 -0.37
CA LYS A 286 11.80 18.30 1.07
C LYS A 286 11.57 16.94 1.68
N VAL A 287 10.67 16.13 1.10
CA VAL A 287 10.43 14.78 1.54
C VAL A 287 10.22 13.87 0.33
N GLU A 288 10.42 12.57 0.54
CA GLU A 288 10.11 11.57 -0.48
C GLU A 288 8.60 11.50 -0.74
N VAL A 289 8.29 11.29 -2.01
CA VAL A 289 6.95 11.09 -2.45
C VAL A 289 6.81 9.68 -3.04
N PHE A 290 5.79 8.95 -2.59
CA PHE A 290 5.50 7.58 -3.03
C PHE A 290 4.14 7.57 -3.71
N LEU A 291 3.87 6.49 -4.44
CA LEU A 291 2.57 6.26 -5.11
C LEU A 291 2.05 4.87 -4.83
N ASP A 292 0.73 4.79 -4.71
CA ASP A 292 0.02 3.52 -4.88
C ASP A 292 -1.24 3.76 -5.70
N GLY A 293 -1.87 2.67 -6.16
CA GLY A 293 -3.13 2.73 -6.89
C GLY A 293 -2.90 2.38 -8.36
N GLY A 294 -3.23 1.15 -8.71
CA GLY A 294 -3.21 0.70 -10.08
C GLY A 294 -1.91 0.13 -10.59
N VAL A 295 -0.91 -0.04 -9.71
CA VAL A 295 0.36 -0.63 -10.14
C VAL A 295 0.17 -2.14 -10.36
N ARG A 296 0.38 -2.55 -11.63
CA ARG A 296 0.23 -3.92 -12.05
C ARG A 296 1.38 -4.46 -12.88
N LYS A 297 2.19 -3.58 -13.43
CA LYS A 297 3.20 -3.90 -14.43
C LYS A 297 4.48 -3.15 -14.17
N GLY A 298 5.59 -3.71 -14.67
CA GLY A 298 6.89 -3.01 -14.53
C GLY A 298 6.86 -1.62 -15.16
N THR A 299 6.15 -1.42 -16.28
CA THR A 299 6.13 -0.09 -16.91
C THR A 299 5.38 0.91 -16.00
N ASP A 300 4.45 0.45 -15.17
CA ASP A 300 3.76 1.35 -14.22
C ASP A 300 4.77 1.92 -13.22
N VAL A 301 5.64 1.05 -12.73
CA VAL A 301 6.68 1.45 -11.79
C VAL A 301 7.61 2.44 -12.45
N LEU A 302 8.01 2.16 -13.70
CA LEU A 302 8.89 3.07 -14.42
C LEU A 302 8.29 4.45 -14.58
N LYS A 303 7.02 4.51 -14.95
CA LYS A 303 6.36 5.79 -15.15
C LYS A 303 6.28 6.57 -13.86
N ALA A 304 5.96 5.92 -12.75
CA ALA A 304 5.88 6.62 -11.46
C ALA A 304 7.24 7.18 -11.06
N LEU A 305 8.30 6.43 -11.24
CA LEU A 305 9.64 6.94 -10.93
C LEU A 305 10.02 8.09 -11.88
N ALA A 306 9.69 8.01 -13.16
CA ALA A 306 10.00 9.08 -14.10
C ALA A 306 9.36 10.39 -13.67
N LEU A 307 8.15 10.27 -13.08
CA LEU A 307 7.41 11.45 -12.63
C LEU A 307 7.76 11.86 -11.21
N GLY A 308 8.73 11.20 -10.57
CA GLY A 308 9.32 11.72 -9.36
C GLY A 308 9.06 10.95 -8.09
N ALA A 309 8.27 9.87 -8.16
CA ALA A 309 8.09 9.02 -7.00
C ALA A 309 9.38 8.30 -6.65
N LYS A 310 9.66 8.14 -5.37
CA LYS A 310 10.82 7.32 -4.93
C LYS A 310 10.58 5.82 -5.09
N ALA A 311 9.33 5.40 -4.82
CA ALA A 311 8.93 4.00 -4.83
C ALA A 311 7.45 3.95 -4.93
N VAL A 312 6.97 2.78 -5.32
CA VAL A 312 5.53 2.52 -5.36
C VAL A 312 5.17 1.39 -4.38
N PHE A 313 3.90 1.36 -4.00
CA PHE A 313 3.35 0.31 -3.17
C PHE A 313 2.26 -0.40 -3.99
N VAL A 314 2.20 -1.72 -3.78
CA VAL A 314 1.19 -2.57 -4.38
C VAL A 314 0.28 -3.13 -3.34
N GLY A 315 -1.01 -3.02 -3.62
CA GLY A 315 -2.06 -3.55 -2.72
C GLY A 315 -2.60 -4.87 -3.19
N ARG A 316 -3.60 -4.83 -4.05
CA ARG A 316 -4.34 -6.02 -4.44
C ARG A 316 -3.47 -7.15 -5.01
N PRO A 317 -2.42 -6.82 -5.80
CA PRO A 317 -1.61 -7.96 -6.32
C PRO A 317 -1.06 -8.89 -5.24
N ILE A 318 -0.73 -8.33 -4.08
CA ILE A 318 -0.21 -9.13 -2.98
C ILE A 318 -1.28 -10.10 -2.46
N VAL A 319 -2.49 -9.60 -2.33
CA VAL A 319 -3.62 -10.45 -1.90
C VAL A 319 -3.87 -11.57 -2.90
N TRP A 320 -3.77 -11.28 -4.19
CA TRP A 320 -3.95 -12.34 -5.18
C TRP A 320 -2.83 -13.39 -5.09
N GLY A 321 -1.60 -12.94 -4.79
CA GLY A 321 -0.50 -13.85 -4.56
C GLY A 321 -0.76 -14.80 -3.41
N LEU A 322 -1.24 -14.24 -2.31
CA LEU A 322 -1.66 -15.08 -1.16
C LEU A 322 -2.72 -16.11 -1.55
N ALA A 323 -3.74 -15.66 -2.28
CA ALA A 323 -4.85 -16.54 -2.65
C ALA A 323 -4.37 -17.72 -3.50
N PHE A 324 -3.38 -17.49 -4.34
CA PHE A 324 -2.76 -18.58 -5.11
C PHE A 324 -1.98 -19.57 -4.25
N GLN A 325 -1.02 -19.07 -3.48
CA GLN A 325 -0.06 -19.97 -2.79
C GLN A 325 0.68 -19.36 -1.60
N GLY A 326 -0.01 -18.52 -0.83
CA GLY A 326 0.56 -17.97 0.38
C GLY A 326 1.88 -17.27 0.14
N GLU A 327 2.88 -17.60 0.97
CA GLU A 327 4.20 -16.97 0.88
C GLU A 327 4.78 -17.07 -0.52
N LYS A 328 4.72 -18.28 -1.09
CA LYS A 328 5.28 -18.51 -2.42
C LYS A 328 4.57 -17.70 -3.49
N GLY A 329 3.24 -17.55 -3.33
CA GLY A 329 2.46 -16.78 -4.29
C GLY A 329 2.81 -15.29 -4.18
N VAL A 330 2.99 -14.77 -2.97
CA VAL A 330 3.41 -13.37 -2.80
C VAL A 330 4.81 -13.16 -3.39
N GLN A 331 5.71 -14.10 -3.12
CA GLN A 331 7.06 -14.04 -3.68
C GLN A 331 7.02 -14.01 -5.20
N ASP A 332 6.18 -14.86 -5.79
N ASP A 332 6.18 -14.86 -5.79
N ASP A 332 6.17 -14.84 -5.80
N ASP A 332 6.17 -14.84 -5.80
CA ASP A 332 6.02 -14.93 -7.26
CA ASP A 332 6.02 -14.93 -7.26
CA ASP A 332 6.10 -14.90 -7.25
CA ASP A 332 6.10 -14.90 -7.25
C ASP A 332 5.57 -13.59 -7.81
C ASP A 332 5.57 -13.59 -7.81
C ASP A 332 5.54 -13.60 -7.85
C ASP A 332 5.54 -13.60 -7.85
N VAL A 333 4.51 -13.02 -7.20
CA VAL A 333 3.98 -11.72 -7.65
C VAL A 333 5.08 -10.64 -7.60
N LEU A 334 5.82 -10.61 -6.49
CA LEU A 334 6.87 -9.63 -6.37
C LEU A 334 7.99 -9.87 -7.34
N GLU A 335 8.31 -11.14 -7.62
CA GLU A 335 9.35 -11.46 -8.61
C GLU A 335 8.93 -11.11 -10.03
N ILE A 336 7.66 -11.27 -10.32
CA ILE A 336 7.13 -10.87 -11.63
C ILE A 336 7.26 -9.36 -11.81
N LEU A 337 6.82 -8.58 -10.81
CA LEU A 337 6.92 -7.13 -10.88
C LEU A 337 8.39 -6.72 -11.00
N LYS A 338 9.26 -7.38 -10.23
CA LYS A 338 10.69 -7.05 -10.28
C LYS A 338 11.26 -7.29 -11.68
N GLU A 339 10.95 -8.43 -12.30
CA GLU A 339 11.44 -8.76 -13.62
C GLU A 339 10.84 -7.86 -14.69
N GLU A 340 9.54 -7.57 -14.60
CA GLU A 340 8.96 -6.63 -15.56
C GLU A 340 9.63 -5.26 -15.44
N PHE A 341 9.91 -4.83 -14.21
CA PHE A 341 10.52 -3.52 -14.01
C PHE A 341 11.95 -3.52 -14.55
N ARG A 342 12.70 -4.58 -14.30
CA ARG A 342 14.07 -4.74 -14.87
C ARG A 342 14.00 -4.61 -16.40
N LEU A 343 13.10 -5.34 -17.03
CA LEU A 343 13.02 -5.31 -18.46
C LEU A 343 12.63 -3.91 -18.95
N ALA A 344 11.69 -3.27 -18.26
CA ALA A 344 11.26 -1.95 -18.70
C ALA A 344 12.40 -0.95 -18.57
N MET A 345 13.19 -1.04 -17.48
CA MET A 345 14.36 -0.24 -17.33
C MET A 345 15.31 -0.46 -18.50
N ALA A 346 15.63 -1.72 -18.77
CA ALA A 346 16.62 -2.03 -19.79
C ALA A 346 16.18 -1.53 -21.16
N LEU A 347 14.92 -1.79 -21.52
CA LEU A 347 14.44 -1.38 -22.82
C LEU A 347 14.33 0.13 -22.98
N SER A 348 14.22 0.84 -21.85
N SER A 348 14.20 0.86 -21.87
N SER A 348 14.22 0.84 -21.85
N SER A 348 14.20 0.86 -21.87
CA SER A 348 14.19 2.31 -21.82
CA SER A 348 14.18 2.34 -21.90
CA SER A 348 14.19 2.31 -21.82
CA SER A 348 14.18 2.34 -21.90
C SER A 348 15.57 2.97 -21.75
C SER A 348 15.55 2.99 -21.66
C SER A 348 15.57 2.97 -21.75
C SER A 348 15.55 2.99 -21.66
N GLY A 349 16.61 2.19 -21.53
CA GLY A 349 17.96 2.68 -21.47
C GLY A 349 18.45 3.09 -20.10
N CYS A 350 17.83 2.58 -19.05
CA CYS A 350 18.13 2.98 -17.69
C CYS A 350 18.95 1.88 -16.94
N GLN A 351 20.18 2.20 -16.59
CA GLN A 351 21.05 1.29 -15.87
C GLN A 351 20.69 1.13 -14.39
N ASN A 352 20.04 2.16 -13.82
CA ASN A 352 19.80 2.23 -12.38
C ASN A 352 18.64 3.19 -12.15
N VAL A 353 18.12 3.27 -10.93
CA VAL A 353 16.94 4.11 -10.72
C VAL A 353 17.26 5.60 -10.74
N LYS A 354 18.52 5.97 -10.54
CA LYS A 354 18.94 7.37 -10.45
C LYS A 354 18.85 8.06 -11.80
N VAL A 355 18.88 7.27 -12.89
CA VAL A 355 18.84 7.83 -14.24
C VAL A 355 17.45 7.73 -14.91
N ILE A 356 16.41 7.39 -14.15
CA ILE A 356 15.06 7.39 -14.64
C ILE A 356 14.50 8.79 -14.55
N ASP A 357 14.47 9.46 -15.69
CA ASP A 357 14.23 10.91 -15.73
C ASP A 357 12.88 11.25 -16.37
N LYS A 358 12.48 12.52 -16.22
CA LYS A 358 11.20 13.02 -16.65
C LYS A 358 11.03 12.94 -18.16
N THR A 359 12.12 12.98 -18.94
CA THR A 359 11.95 12.90 -20.42
C THR A 359 11.54 11.52 -20.92
N LEU A 360 11.55 10.53 -20.04
CA LEU A 360 11.05 9.23 -20.43
C LEU A 360 9.55 9.16 -20.61
N VAL A 361 8.76 10.12 -20.10
CA VAL A 361 7.32 10.03 -20.21
C VAL A 361 6.73 11.30 -20.75
N ARG A 362 5.60 11.14 -21.45
CA ARG A 362 4.78 12.27 -21.85
C ARG A 362 3.32 11.85 -21.87
N LYS A 363 2.43 12.73 -21.38
CA LYS A 363 0.95 12.58 -21.50
C LYS A 363 0.43 13.54 -22.55
#